data_5ZB5
#
_entry.id   5ZB5
#
_cell.length_a   66.410
_cell.length_b   66.410
_cell.length_c   99.417
_cell.angle_alpha   90.00
_cell.angle_beta   90.00
_cell.angle_gamma   90.00
#
_symmetry.space_group_name_H-M   'P 41'
#
loop_
_entity.id
_entity.type
_entity.pdbx_description
1 polymer 'NAP family histone chaperone vps75'
2 non-polymer DI(HYDROXYETHYL)ETHER
3 non-polymer GLYCEROL
4 water water
#
_entity_poly.entity_id   1
_entity_poly.type   'polypeptide(L)'
_entity_poly.pdbx_seq_one_letter_code
;MSAKKTNEKRSEIQSETNTTSLDEVADIELEFEKADVELLKHQVELFNPLYEKRANVLRKIPKFWPIAIEAAPSDELSVY
ISPEDANVLEHLIDLRVYRPNEDPRDIKIVFEFEANEYLESNSLYLEKLFRYSSQKAEASSSNINKEPSQLISEKVNIEW
KKNKDLTRQTKGTAPSFFTWFSWTGKENDIFEDEEELAIFIAEDLYPNAVKYFTDALQENEENEDEEIDLENENGDNISE
EEPSKKRTKL
;
_entity_poly.pdbx_strand_id   A,B
#
loop_
_chem_comp.id
_chem_comp.type
_chem_comp.name
_chem_comp.formula
GOL non-polymer GLYCEROL 'C3 H8 O3'
PEG non-polymer DI(HYDROXYETHYL)ETHER 'C4 H10 O3'
#
# COMPACT_ATOMS: atom_id res chain seq x y z
N THR A 20 8.53 -7.83 -32.11
CA THR A 20 8.08 -6.60 -31.49
C THR A 20 8.90 -6.24 -30.24
N SER A 21 9.14 -7.22 -29.37
CA SER A 21 9.80 -7.05 -28.05
C SER A 21 8.81 -6.46 -27.03
N LEU A 22 7.61 -6.14 -27.49
CA LEU A 22 6.56 -5.74 -26.55
C LEU A 22 5.64 -6.91 -26.24
N ASP A 23 5.69 -7.96 -27.06
CA ASP A 23 4.94 -9.19 -26.78
C ASP A 23 5.81 -10.12 -25.94
N GLU A 24 7.10 -9.80 -25.84
CA GLU A 24 7.95 -10.48 -24.87
C GLU A 24 7.68 -9.93 -23.45
N VAL A 25 7.51 -8.61 -23.35
CA VAL A 25 7.11 -7.96 -22.12
C VAL A 25 5.84 -8.60 -21.56
N ALA A 26 4.92 -8.92 -22.47
CA ALA A 26 3.67 -9.60 -22.14
C ALA A 26 3.90 -10.93 -21.43
N ASP A 27 4.73 -11.79 -22.03
CA ASP A 27 4.98 -13.10 -21.42
C ASP A 27 5.60 -12.95 -20.05
N ILE A 28 6.54 -12.02 -19.94
CA ILE A 28 7.21 -11.74 -18.67
C ILE A 28 6.19 -11.22 -17.64
N GLU A 29 5.28 -10.35 -18.08
CA GLU A 29 4.29 -9.76 -17.18
C GLU A 29 3.38 -10.83 -16.56
N LEU A 30 3.20 -11.94 -17.27
CA LEU A 30 2.45 -13.06 -16.70
C LEU A 30 3.24 -13.78 -15.62
N GLU A 31 4.56 -13.82 -15.76
CA GLU A 31 5.40 -14.39 -14.72
C GLU A 31 5.35 -13.54 -13.46
N PHE A 32 5.28 -12.23 -13.62
CA PHE A 32 5.17 -11.35 -12.48
C PHE A 32 3.88 -11.65 -11.76
N GLU A 33 2.83 -11.90 -12.53
CA GLU A 33 1.50 -12.11 -11.98
C GLU A 33 1.50 -13.40 -11.18
N LYS A 34 2.15 -14.43 -11.71
CA LYS A 34 2.26 -15.69 -10.97
C LYS A 34 3.07 -15.46 -9.66
N ALA A 35 4.09 -14.62 -9.74
CA ALA A 35 4.95 -14.38 -8.57
C ALA A 35 4.24 -13.59 -7.46
N ASP A 36 3.43 -12.59 -7.81
CA ASP A 36 2.65 -11.83 -6.80
C ASP A 36 1.81 -12.77 -5.94
N VAL A 37 1.21 -13.75 -6.58
CA VAL A 37 0.35 -14.72 -5.93
C VAL A 37 1.13 -15.69 -5.06
N GLU A 38 2.22 -16.22 -5.62
CA GLU A 38 3.16 -17.01 -4.86
C GLU A 38 3.59 -16.24 -3.61
N LEU A 39 3.98 -14.98 -3.80
CA LEU A 39 4.43 -14.15 -2.68
C LEU A 39 3.32 -13.96 -1.63
N LEU A 40 2.09 -13.72 -2.07
CA LEU A 40 0.97 -13.55 -1.14
C LEU A 40 0.70 -14.86 -0.38
N LYS A 41 0.85 -15.99 -1.06
CA LYS A 41 0.68 -17.29 -0.40
C LYS A 41 1.68 -17.45 0.72
N HIS A 42 2.93 -17.10 0.47
CA HIS A 42 3.92 -17.16 1.53
C HIS A 42 3.54 -16.22 2.67
N GLN A 43 3.07 -15.01 2.33
CA GLN A 43 2.66 -14.03 3.35
C GLN A 43 1.63 -14.62 4.32
N VAL A 44 0.65 -15.33 3.76
CA VAL A 44 -0.44 -15.90 4.54
C VAL A 44 0.03 -16.95 5.54
N GLU A 45 0.87 -17.89 5.08
CA GLU A 45 1.38 -18.94 5.98
C GLU A 45 2.22 -18.28 7.06
N LEU A 46 2.96 -17.25 6.66
CA LEU A 46 3.85 -16.53 7.56
C LEU A 46 3.05 -15.82 8.66
N PHE A 47 2.02 -15.06 8.27
CA PHE A 47 1.33 -14.21 9.25
C PHE A 47 0.12 -14.83 9.96
N ASN A 48 -0.44 -15.92 9.42
CA ASN A 48 -1.62 -16.54 10.03
C ASN A 48 -1.46 -16.76 11.54
N PRO A 49 -0.37 -17.43 11.96
CA PRO A 49 -0.28 -17.64 13.41
C PRO A 49 0.02 -16.34 14.18
N LEU A 50 0.70 -15.40 13.54
CA LEU A 50 1.01 -14.14 14.21
C LEU A 50 -0.27 -13.35 14.48
N TYR A 51 -1.20 -13.39 13.54
CA TYR A 51 -2.49 -12.74 13.71
C TYR A 51 -3.30 -13.42 14.77
N GLU A 52 -3.17 -14.74 14.87
CA GLU A 52 -3.94 -15.47 15.86
C GLU A 52 -3.39 -15.15 17.26
N LYS A 53 -2.07 -15.13 17.39
CA LYS A 53 -1.44 -14.75 18.65
C LYS A 53 -1.86 -13.33 19.02
N ARG A 54 -1.70 -12.40 18.08
CA ARG A 54 -2.10 -11.00 18.31
C ARG A 54 -3.56 -10.92 18.76
N ALA A 55 -4.45 -11.59 18.03
CA ALA A 55 -5.89 -11.54 18.28
C ALA A 55 -6.21 -11.96 19.70
N ASN A 56 -5.53 -12.98 20.19
CA ASN A 56 -5.74 -13.41 21.56
C ASN A 56 -5.43 -12.32 22.59
N VAL A 57 -4.37 -11.54 22.36
CA VAL A 57 -4.08 -10.44 23.27
C VAL A 57 -5.04 -9.24 23.09
N LEU A 58 -5.40 -8.93 21.85
CA LEU A 58 -6.27 -7.78 21.59
C LEU A 58 -7.61 -7.96 22.25
N ARG A 59 -8.08 -9.21 22.33
CA ARG A 59 -9.38 -9.49 22.95
C ARG A 59 -9.37 -9.15 24.44
N LYS A 60 -8.19 -9.00 25.03
CA LYS A 60 -8.06 -8.63 26.44
C LYS A 60 -8.13 -7.13 26.63
N ILE A 61 -8.07 -6.38 25.53
CA ILE A 61 -7.94 -4.93 25.60
C ILE A 61 -9.27 -4.26 25.23
N PRO A 62 -10.03 -3.78 26.24
CA PRO A 62 -11.36 -3.28 25.93
C PRO A 62 -11.36 -2.12 24.92
N LYS A 63 -12.31 -2.14 24.00
CA LYS A 63 -12.47 -1.05 23.04
C LYS A 63 -11.31 -0.90 22.07
N PHE A 64 -10.44 -1.90 21.97
CA PHE A 64 -9.29 -1.83 21.06
C PHE A 64 -9.72 -1.49 19.62
N TRP A 65 -10.71 -2.21 19.12
CA TRP A 65 -11.09 -1.99 17.71
C TRP A 65 -11.76 -0.63 17.45
N PRO A 66 -12.76 -0.24 18.25
CA PRO A 66 -13.28 1.13 17.99
C PRO A 66 -12.21 2.22 18.18
N ILE A 67 -11.25 2.01 19.07
CA ILE A 67 -10.20 2.99 19.26
C ILE A 67 -9.24 3.01 18.04
N ALA A 68 -8.97 1.85 17.47
CA ALA A 68 -8.08 1.77 16.31
C ALA A 68 -8.78 2.22 15.03
N ILE A 69 -10.06 1.89 14.90
CA ILE A 69 -10.86 2.36 13.78
C ILE A 69 -10.82 3.88 13.75
N GLU A 70 -11.15 4.48 14.89
CA GLU A 70 -11.11 5.94 15.08
C GLU A 70 -9.76 6.60 14.75
N ALA A 71 -8.67 6.00 15.22
CA ALA A 71 -7.34 6.52 14.95
C ALA A 71 -6.87 6.27 13.50
N ALA A 72 -7.47 5.29 12.80
CA ALA A 72 -7.10 5.03 11.41
C ALA A 72 -7.41 6.28 10.57
N PRO A 73 -6.82 6.39 9.35
CA PRO A 73 -7.09 7.60 8.54
C PRO A 73 -8.58 7.82 8.28
N SER A 74 -9.07 8.97 8.66
CA SER A 74 -10.51 9.27 8.58
C SER A 74 -11.07 9.18 7.14
N ASP A 75 -10.21 9.50 6.18
N ASP A 75 -10.24 9.55 6.16
CA ASP A 75 -10.58 9.56 4.78
CA ASP A 75 -10.63 9.53 4.74
C ASP A 75 -10.78 8.17 4.16
C ASP A 75 -11.03 8.13 4.29
N GLU A 76 -10.46 7.13 4.93
CA GLU A 76 -10.69 5.79 4.48
C GLU A 76 -11.63 4.99 5.29
N LEU A 77 -11.96 5.48 6.45
CA LEU A 77 -12.82 4.72 7.29
C LEU A 77 -13.87 5.44 8.06
N SER A 78 -13.45 6.29 8.97
CA SER A 78 -14.43 6.90 9.86
C SER A 78 -15.34 7.87 9.08
N VAL A 79 -14.92 8.29 7.88
CA VAL A 79 -15.78 9.13 7.04
C VAL A 79 -17.10 8.41 6.72
N TYR A 80 -17.07 7.08 6.71
CA TYR A 80 -18.25 6.28 6.42
C TYR A 80 -19.03 5.94 7.68
N ILE A 81 -18.54 6.41 8.83
CA ILE A 81 -19.14 6.03 10.10
C ILE A 81 -19.88 7.20 10.74
N SER A 82 -21.22 7.13 10.71
CA SER A 82 -22.06 8.13 11.35
C SER A 82 -21.85 8.04 12.87
N PRO A 83 -22.30 9.07 13.59
CA PRO A 83 -22.10 8.96 15.05
C PRO A 83 -22.85 7.76 15.64
N GLU A 84 -24.04 7.48 15.10
CA GLU A 84 -24.80 6.34 15.57
C GLU A 84 -24.12 5.01 15.20
N ASP A 85 -23.60 4.91 13.97
CA ASP A 85 -22.75 3.76 13.60
C ASP A 85 -21.64 3.54 14.65
N ALA A 86 -20.95 4.64 14.96
CA ALA A 86 -19.85 4.62 15.93
C ALA A 86 -20.31 4.06 17.26
N ASN A 87 -21.52 4.44 17.67
CA ASN A 87 -22.12 3.91 18.87
C ASN A 87 -22.26 2.40 18.83
N VAL A 88 -22.65 1.84 17.68
CA VAL A 88 -22.74 0.39 17.59
C VAL A 88 -21.33 -0.21 17.70
N LEU A 89 -20.38 0.40 16.99
CA LEU A 89 -18.99 -0.06 16.95
C LEU A 89 -18.27 -0.02 18.28
N GLU A 90 -18.77 0.79 19.23
CA GLU A 90 -18.24 0.78 20.60
C GLU A 90 -18.35 -0.63 21.16
N HIS A 91 -19.28 -1.41 20.61
CA HIS A 91 -19.51 -2.78 21.08
C HIS A 91 -18.84 -3.88 20.23
N LEU A 92 -17.96 -3.48 19.31
CA LEU A 92 -17.19 -4.40 18.48
C LEU A 92 -16.01 -5.00 19.27
N ILE A 93 -16.09 -6.29 19.57
CA ILE A 93 -15.09 -6.89 20.46
C ILE A 93 -14.03 -7.66 19.72
N ASP A 94 -14.29 -7.91 18.44
CA ASP A 94 -13.28 -8.60 17.63
C ASP A 94 -13.38 -8.22 16.16
N LEU A 95 -12.23 -8.10 15.52
CA LEU A 95 -12.14 -8.03 14.06
C LEU A 95 -11.05 -8.98 13.62
N ARG A 96 -11.36 -9.80 12.62
CA ARG A 96 -10.42 -10.76 12.04
C ARG A 96 -10.52 -10.72 10.52
N VAL A 97 -9.36 -10.82 9.86
CA VAL A 97 -9.28 -10.95 8.42
C VAL A 97 -8.59 -12.26 8.08
N TYR A 98 -9.21 -13.04 7.21
CA TYR A 98 -8.63 -14.30 6.79
C TYR A 98 -8.42 -14.34 5.30
N ARG A 99 -7.47 -15.17 4.89
CA ARG A 99 -7.34 -15.54 3.48
C ARG A 99 -7.41 -17.04 3.44
N PRO A 100 -8.63 -17.56 3.50
CA PRO A 100 -8.84 -18.99 3.77
C PRO A 100 -8.88 -19.89 2.51
N ASN A 101 -8.85 -19.30 1.32
CA ASN A 101 -9.04 -20.09 0.11
C ASN A 101 -7.72 -20.34 -0.66
N GLU A 102 -7.81 -21.21 -1.66
CA GLU A 102 -6.76 -21.46 -2.63
C GLU A 102 -6.11 -20.19 -3.17
N ASP A 103 -6.94 -19.28 -3.67
CA ASP A 103 -6.48 -18.00 -4.13
C ASP A 103 -6.34 -17.09 -2.90
N PRO A 104 -5.11 -16.66 -2.59
CA PRO A 104 -4.84 -15.85 -1.39
C PRO A 104 -5.44 -14.46 -1.48
N ARG A 105 -5.97 -14.11 -2.64
CA ARG A 105 -6.57 -12.80 -2.85
C ARG A 105 -8.03 -12.78 -2.40
N ASP A 106 -8.62 -13.96 -2.15
CA ASP A 106 -9.95 -14.02 -1.55
C ASP A 106 -9.81 -13.58 -0.08
N ILE A 107 -10.58 -12.60 0.35
CA ILE A 107 -10.51 -12.17 1.76
C ILE A 107 -11.82 -12.36 2.50
N LYS A 108 -11.72 -12.86 3.71
CA LYS A 108 -12.85 -13.01 4.60
C LYS A 108 -12.66 -12.04 5.77
N ILE A 109 -13.70 -11.27 6.07
CA ILE A 109 -13.57 -10.23 7.08
C ILE A 109 -14.60 -10.48 8.18
N VAL A 110 -14.16 -10.63 9.42
CA VAL A 110 -15.09 -11.07 10.43
C VAL A 110 -15.24 -10.04 11.57
N PHE A 111 -16.47 -9.62 11.84
CA PHE A 111 -16.77 -8.69 12.95
C PHE A 111 -17.53 -9.41 14.04
N GLU A 112 -17.11 -9.23 15.28
CA GLU A 112 -17.86 -9.79 16.38
C GLU A 112 -18.23 -8.70 17.37
N PHE A 113 -19.50 -8.70 17.75
CA PHE A 113 -20.05 -7.71 18.68
C PHE A 113 -20.48 -8.33 19.98
N GLU A 114 -20.27 -7.59 21.07
CA GLU A 114 -20.92 -7.91 22.33
C GLU A 114 -22.37 -7.46 22.19
N ALA A 115 -23.24 -7.92 23.08
CA ALA A 115 -24.65 -7.55 23.06
C ALA A 115 -24.85 -6.03 23.12
N ASN A 116 -25.88 -5.55 22.46
CA ASN A 116 -26.08 -4.12 22.30
C ASN A 116 -27.52 -3.87 21.91
N GLU A 117 -27.85 -2.61 21.70
CA GLU A 117 -29.24 -2.24 21.45
C GLU A 117 -29.69 -2.46 20.01
N TYR A 118 -28.73 -2.68 19.10
CA TYR A 118 -29.02 -2.62 17.66
C TYR A 118 -29.10 -3.99 16.99
N LEU A 119 -28.18 -4.90 17.33
CA LEU A 119 -28.14 -6.21 16.69
C LEU A 119 -28.80 -7.28 17.53
N GLU A 120 -29.59 -8.14 16.90
CA GLU A 120 -30.09 -9.34 17.56
C GLU A 120 -28.91 -10.31 17.76
N SER A 121 -29.09 -11.26 18.68
CA SER A 121 -27.99 -12.10 19.17
C SER A 121 -27.34 -12.95 18.09
N ASN A 122 -28.06 -13.18 17.01
CA ASN A 122 -27.58 -13.99 15.90
C ASN A 122 -26.98 -13.13 14.79
N SER A 123 -26.84 -11.84 15.06
CA SER A 123 -26.17 -10.94 14.15
C SER A 123 -24.99 -10.30 14.85
N LEU A 124 -24.62 -10.87 15.98
CA LEU A 124 -23.46 -10.41 16.75
C LEU A 124 -22.18 -10.85 16.06
N TYR A 125 -22.29 -11.89 15.24
CA TYR A 125 -21.17 -12.39 14.45
C TYR A 125 -21.45 -12.15 12.99
N LEU A 126 -20.66 -11.28 12.37
CA LEU A 126 -20.89 -10.90 10.98
C LEU A 126 -19.65 -11.17 10.11
N GLU A 127 -19.90 -11.86 9.02
CA GLU A 127 -18.89 -12.45 8.20
C GLU A 127 -19.12 -12.04 6.76
N LYS A 128 -18.14 -11.42 6.11
CA LYS A 128 -18.28 -11.05 4.70
C LYS A 128 -17.08 -11.56 3.93
N LEU A 129 -17.34 -12.36 2.90
CA LEU A 129 -16.26 -12.88 2.08
C LEU A 129 -16.24 -12.17 0.74
N PHE A 130 -15.03 -11.83 0.30
CA PHE A 130 -14.79 -11.30 -1.02
C PHE A 130 -13.95 -12.29 -1.82
N ARG A 131 -14.48 -12.67 -2.98
CA ARG A 131 -13.76 -13.46 -3.96
C ARG A 131 -13.03 -12.58 -4.98
N TYR A 132 -11.79 -12.94 -5.28
CA TYR A 132 -11.12 -12.37 -6.43
C TYR A 132 -11.73 -12.97 -7.68
N SER A 133 -12.19 -12.11 -8.58
CA SER A 133 -12.77 -12.53 -9.85
C SER A 133 -11.86 -12.15 -11.02
N SER A 134 -11.13 -13.10 -11.58
CA SER A 134 -10.19 -12.74 -12.65
C SER A 134 -10.91 -12.22 -13.90
N GLN A 135 -12.13 -12.67 -14.12
CA GLN A 135 -12.90 -12.20 -15.27
C GLN A 135 -13.26 -10.72 -15.07
N LYS A 136 -13.65 -10.37 -13.85
CA LYS A 136 -13.97 -8.98 -13.52
C LYS A 136 -12.72 -8.11 -13.61
N ALA A 137 -11.58 -8.67 -13.19
CA ALA A 137 -10.30 -7.96 -13.19
C ALA A 137 -9.66 -7.87 -14.58
N GLU A 138 -10.12 -8.68 -15.53
CA GLU A 138 -9.56 -8.66 -16.87
C GLU A 138 -10.07 -7.45 -17.65
N ALA A 139 -11.39 -7.30 -17.66
CA ALA A 139 -12.09 -6.23 -18.39
C ALA A 139 -11.37 -4.88 -18.38
N ASN A 145 -11.52 3.20 -12.58
CA ASN A 145 -10.96 2.84 -13.88
C ASN A 145 -9.44 3.01 -13.94
N LYS A 146 -8.82 2.72 -12.82
CA LYS A 146 -7.38 2.76 -12.64
C LYS A 146 -7.03 1.67 -11.64
N GLU A 147 -7.88 1.49 -10.66
CA GLU A 147 -7.75 0.45 -9.71
C GLU A 147 -9.12 -0.15 -9.90
N PRO A 148 -9.38 -0.72 -11.07
CA PRO A 148 -10.65 -1.34 -11.43
C PRO A 148 -11.18 -2.39 -10.44
N SER A 149 -12.48 -2.58 -10.42
CA SER A 149 -13.11 -3.49 -9.48
C SER A 149 -12.63 -4.92 -9.73
N GLN A 150 -12.17 -5.60 -8.68
CA GLN A 150 -11.70 -6.97 -8.79
C GLN A 150 -12.47 -7.97 -7.91
N LEU A 151 -13.24 -7.48 -6.94
CA LEU A 151 -13.82 -8.40 -5.98
C LEU A 151 -15.32 -8.57 -6.17
N ILE A 152 -15.83 -9.71 -5.74
CA ILE A 152 -17.28 -9.96 -5.63
C ILE A 152 -17.59 -10.48 -4.24
N SER A 153 -18.82 -10.30 -3.81
CA SER A 153 -19.19 -10.69 -2.46
C SER A 153 -20.68 -11.01 -2.40
N GLU A 154 -21.09 -11.77 -1.38
CA GLU A 154 -22.52 -11.93 -1.10
C GLU A 154 -22.99 -10.95 -0.03
N LYS A 155 -24.25 -10.52 -0.12
CA LYS A 155 -24.88 -9.77 0.97
C LYS A 155 -24.79 -10.56 2.26
N VAL A 156 -24.48 -9.85 3.34
CA VAL A 156 -24.46 -10.43 4.68
C VAL A 156 -25.74 -10.02 5.39
N ASN A 157 -26.57 -10.99 5.73
CA ASN A 157 -27.80 -10.68 6.42
C ASN A 157 -27.56 -10.14 7.82
N ILE A 158 -28.20 -9.02 8.13
CA ILE A 158 -28.16 -8.45 9.47
C ILE A 158 -29.56 -8.41 10.03
N GLU A 159 -29.74 -8.94 11.23
CA GLU A 159 -31.01 -8.82 11.91
C GLU A 159 -30.96 -7.73 12.98
N TRP A 160 -31.65 -6.63 12.70
CA TRP A 160 -31.69 -5.48 13.57
C TRP A 160 -32.87 -5.56 14.51
N LYS A 161 -32.67 -5.15 15.77
CA LYS A 161 -33.78 -5.08 16.72
C LYS A 161 -34.78 -4.03 16.25
N LYS A 162 -36.00 -4.10 16.78
CA LYS A 162 -37.10 -3.25 16.30
C LYS A 162 -36.74 -1.77 16.43
N ASN A 163 -36.95 -1.05 15.32
CA ASN A 163 -36.69 0.38 15.20
C ASN A 163 -35.23 0.79 15.34
N LYS A 164 -34.33 -0.18 15.16
CA LYS A 164 -32.89 0.06 15.28
C LYS A 164 -32.13 -0.15 13.94
N ASP A 165 -32.83 -0.38 12.86
CA ASP A 165 -32.21 -0.67 11.59
C ASP A 165 -31.61 0.57 10.97
N LEU A 166 -30.31 0.68 11.05
CA LEU A 166 -29.61 1.84 10.54
C LEU A 166 -29.54 1.96 9.03
N THR A 167 -29.76 0.87 8.33
CA THR A 167 -29.72 0.87 6.89
C THR A 167 -31.05 1.39 6.38
N ARG A 168 -32.07 1.37 7.18
CA ARG A 168 -33.33 1.94 6.74
C ARG A 168 -33.32 3.46 6.96
N GLN A 169 -32.89 4.11 5.90
CA GLN A 169 -32.89 5.53 5.81
C GLN A 169 -33.21 5.96 4.38
N THR A 170 -34.23 6.80 4.29
CA THR A 170 -34.71 7.47 3.07
C THR A 170 -34.09 8.87 3.04
N LYS A 171 -34.59 9.73 3.91
CA LYS A 171 -33.99 11.03 4.18
C LYS A 171 -32.91 10.86 5.23
N GLY A 172 -31.85 11.67 5.14
CA GLY A 172 -30.64 11.42 5.88
C GLY A 172 -29.80 10.58 4.94
N THR A 173 -29.71 11.05 3.70
CA THR A 173 -29.30 10.23 2.57
C THR A 173 -27.96 9.50 2.75
N ALA A 174 -27.10 9.99 3.64
CA ALA A 174 -25.79 9.35 3.85
C ALA A 174 -25.97 7.95 4.39
N PRO A 175 -25.54 6.91 3.65
CA PRO A 175 -25.68 5.50 4.06
C PRO A 175 -24.94 5.17 5.37
N SER A 176 -25.61 4.43 6.24
CA SER A 176 -24.93 3.88 7.41
C SER A 176 -23.75 3.07 6.94
N PHE A 177 -22.69 3.07 7.75
CA PHE A 177 -21.55 2.19 7.53
C PHE A 177 -22.03 0.78 7.25
N PHE A 178 -23.10 0.38 7.92
CA PHE A 178 -23.54 -0.99 7.89
C PHE A 178 -24.20 -1.40 6.57
N THR A 179 -24.49 -0.45 5.68
CA THR A 179 -24.99 -0.81 4.34
C THR A 179 -23.88 -1.51 3.54
N TRP A 180 -22.61 -1.31 3.91
CA TRP A 180 -21.47 -1.99 3.28
C TRP A 180 -21.60 -3.51 3.23
N PHE A 181 -22.24 -4.09 4.24
CA PHE A 181 -22.42 -5.52 4.33
C PHE A 181 -23.28 -6.10 3.21
N SER A 182 -24.05 -5.27 2.51
CA SER A 182 -24.91 -5.77 1.45
C SER A 182 -24.28 -5.64 0.06
N TRP A 183 -23.05 -5.17 -0.01
CA TRP A 183 -22.37 -4.95 -1.29
C TRP A 183 -21.98 -6.27 -1.95
N THR A 184 -22.15 -6.36 -3.28
CA THR A 184 -21.88 -7.61 -3.98
C THR A 184 -20.88 -7.45 -5.12
N GLY A 185 -20.85 -6.27 -5.73
CA GLY A 185 -20.00 -6.04 -6.89
C GLY A 185 -20.32 -6.90 -8.11
N LYS A 186 -21.52 -7.49 -8.14
CA LYS A 186 -21.92 -8.40 -9.21
C LYS A 186 -22.49 -7.63 -10.40
N GLU A 187 -22.91 -6.42 -10.14
CA GLU A 187 -23.26 -5.46 -11.18
C GLU A 187 -22.38 -4.25 -10.96
N ASN A 188 -21.70 -3.81 -12.01
CA ASN A 188 -20.57 -2.91 -11.82
C ASN A 188 -20.91 -1.45 -11.88
N ASP A 189 -20.14 -0.67 -11.13
CA ASP A 189 -20.22 0.77 -11.12
C ASP A 189 -18.89 1.31 -11.57
N ILE A 190 -18.80 2.64 -11.64
CA ILE A 190 -17.59 3.31 -12.07
C ILE A 190 -16.44 3.08 -11.10
N PHE A 191 -16.72 3.04 -9.80
CA PHE A 191 -15.63 3.11 -8.81
C PHE A 191 -15.61 2.06 -7.70
N GLU A 192 -16.73 1.86 -7.02
CA GLU A 192 -16.83 0.90 -5.91
C GLU A 192 -16.04 1.30 -4.64
N ASP A 193 -16.47 2.39 -4.00
CA ASP A 193 -16.00 2.75 -2.65
C ASP A 193 -16.01 1.57 -1.67
N GLU A 194 -17.04 0.72 -1.74
CA GLU A 194 -17.18 -0.43 -0.84
C GLU A 194 -16.01 -1.42 -0.94
N GLU A 195 -15.58 -1.69 -2.18
CA GLU A 195 -14.44 -2.56 -2.45
C GLU A 195 -13.18 -1.93 -1.87
N GLU A 196 -13.01 -0.63 -2.13
CA GLU A 196 -11.90 0.16 -1.59
C GLU A 196 -11.81 0.02 -0.06
N LEU A 197 -12.97 0.10 0.60
CA LEU A 197 -13.08 -0.05 2.05
C LEU A 197 -12.67 -1.46 2.49
N ALA A 198 -13.14 -2.48 1.77
CA ALA A 198 -12.75 -3.88 2.01
C ALA A 198 -11.23 -4.07 1.97
N ILE A 199 -10.59 -3.58 0.91
CA ILE A 199 -9.14 -3.64 0.79
C ILE A 199 -8.47 -2.85 1.92
N PHE A 200 -9.04 -1.70 2.27
CA PHE A 200 -8.44 -0.91 3.35
C PHE A 200 -8.49 -1.67 4.68
N ILE A 201 -9.63 -2.28 4.98
CA ILE A 201 -9.76 -3.08 6.18
C ILE A 201 -8.76 -4.24 6.17
N ALA A 202 -8.66 -4.90 5.02
CA ALA A 202 -7.84 -6.09 4.92
C ALA A 202 -6.36 -5.76 4.95
N GLU A 203 -5.98 -4.72 4.20
CA GLU A 203 -4.58 -4.47 3.91
C GLU A 203 -3.99 -3.29 4.70
N ASP A 204 -4.81 -2.58 5.46
CA ASP A 204 -4.27 -1.43 6.17
C ASP A 204 -4.69 -1.46 7.64
N LEU A 205 -5.99 -1.30 7.90
CA LEU A 205 -6.51 -1.33 9.25
C LEU A 205 -6.06 -2.56 10.05
N TYR A 206 -6.28 -3.76 9.50
CA TYR A 206 -6.03 -5.00 10.23
C TYR A 206 -4.52 -5.22 10.50
N PRO A 207 -3.66 -5.10 9.47
CA PRO A 207 -2.23 -5.13 9.77
C PRO A 207 -1.73 -3.98 10.64
N ASN A 208 -2.24 -2.76 10.46
CA ASN A 208 -1.64 -1.63 11.16
C ASN A 208 -2.38 -1.27 12.46
N ALA A 209 -3.28 -2.15 12.89
CA ALA A 209 -4.23 -1.85 13.95
C ALA A 209 -3.54 -1.49 15.24
N VAL A 210 -2.46 -2.21 15.55
CA VAL A 210 -1.71 -1.98 16.77
C VAL A 210 -1.02 -0.62 16.69
N LYS A 211 -0.51 -0.30 15.50
CA LYS A 211 0.12 1.01 15.28
C LYS A 211 -0.88 2.14 15.49
N TYR A 212 -2.04 2.00 14.87
CA TYR A 212 -3.09 2.98 15.04
C TYR A 212 -3.48 3.13 16.52
N PHE A 213 -3.76 2.00 17.18
CA PHE A 213 -4.13 1.99 18.61
C PHE A 213 -3.07 2.72 19.42
N THR A 214 -1.82 2.42 19.12
CA THR A 214 -0.68 2.95 19.87
C THR A 214 -0.61 4.46 19.73
N ASP A 215 -0.89 4.96 18.53
CA ASP A 215 -0.96 6.41 18.30
C ASP A 215 -1.94 7.07 19.26
N ALA A 216 -3.13 6.47 19.38
CA ALA A 216 -4.15 6.98 20.29
C ALA A 216 -3.73 6.85 21.76
N LEU A 217 -3.34 5.64 22.16
CA LEU A 217 -2.85 5.35 23.50
C LEU A 217 -1.78 6.35 23.96
N GLN A 218 -0.96 6.79 23.00
CA GLN A 218 0.16 7.66 23.30
C GLN A 218 -0.04 9.03 22.62
N GLU A 219 -1.29 9.46 22.55
CA GLU A 219 -1.60 10.86 22.26
C GLU A 219 -1.74 11.56 23.59
N ASN A 220 -0.65 11.53 24.36
CA ASN A 220 -0.61 12.07 25.72
C ASN A 220 0.13 13.40 25.80
N THR B 19 4.29 -7.62 33.28
CA THR B 19 4.12 -7.50 31.83
C THR B 19 2.63 -7.47 31.47
N THR B 20 2.16 -6.27 31.15
CA THR B 20 0.75 -6.05 30.83
C THR B 20 0.37 -6.65 29.46
N SER B 21 -0.90 -6.50 29.10
CA SER B 21 -1.38 -6.79 27.77
C SER B 21 -0.83 -5.75 26.80
N LEU B 22 -0.69 -4.52 27.29
CA LEU B 22 -0.07 -3.48 26.49
C LEU B 22 1.39 -3.84 26.18
N ASP B 23 2.08 -4.49 27.12
CA ASP B 23 3.46 -4.90 26.86
C ASP B 23 3.49 -6.03 25.83
N GLU B 24 2.55 -6.97 25.95
CA GLU B 24 2.46 -8.10 25.03
C GLU B 24 2.29 -7.66 23.60
N VAL B 25 1.47 -6.62 23.42
CA VAL B 25 1.09 -6.14 22.11
C VAL B 25 2.29 -5.54 21.40
N ALA B 26 3.06 -4.76 22.15
CA ALA B 26 4.25 -4.12 21.58
C ALA B 26 5.30 -5.17 21.20
N ASP B 27 5.38 -6.25 21.99
CA ASP B 27 6.33 -7.34 21.72
C ASP B 27 5.94 -8.11 20.49
N ILE B 28 4.64 -8.40 20.40
CA ILE B 28 4.11 -9.13 19.25
C ILE B 28 4.31 -8.32 17.97
N GLU B 29 4.22 -7.01 18.10
CA GLU B 29 4.45 -6.10 16.98
C GLU B 29 5.89 -6.24 16.48
N LEU B 30 6.81 -6.50 17.39
CA LEU B 30 8.19 -6.72 16.99
C LEU B 30 8.32 -8.04 16.20
N GLU B 31 7.53 -9.05 16.57
CA GLU B 31 7.48 -10.29 15.80
C GLU B 31 6.93 -10.08 14.40
N PHE B 32 5.97 -9.15 14.26
CA PHE B 32 5.40 -8.82 12.94
C PHE B 32 6.45 -8.16 12.06
N GLU B 33 7.31 -7.35 12.68
CA GLU B 33 8.37 -6.66 11.96
C GLU B 33 9.35 -7.66 11.37
N LYS B 34 9.69 -8.69 12.15
CA LYS B 34 10.60 -9.74 11.68
C LYS B 34 9.99 -10.53 10.55
N ALA B 35 8.67 -10.80 10.62
CA ALA B 35 8.02 -11.54 9.54
C ALA B 35 8.00 -10.68 8.27
N ASP B 36 7.81 -9.38 8.44
CA ASP B 36 7.90 -8.42 7.34
C ASP B 36 9.25 -8.53 6.65
N VAL B 37 10.32 -8.54 7.44
CA VAL B 37 11.66 -8.70 6.88
C VAL B 37 11.83 -10.05 6.19
N GLU B 38 11.35 -11.13 6.80
CA GLU B 38 11.39 -12.46 6.15
C GLU B 38 10.65 -12.44 4.82
N LEU B 39 9.50 -11.79 4.77
CA LEU B 39 8.70 -11.76 3.55
C LEU B 39 9.39 -10.98 2.42
N LEU B 40 9.99 -9.83 2.75
CA LEU B 40 10.76 -9.07 1.77
C LEU B 40 11.95 -9.88 1.22
N LYS B 41 12.64 -10.62 2.09
CA LYS B 41 13.71 -11.51 1.63
C LYS B 41 13.20 -12.47 0.56
N HIS B 42 12.02 -13.05 0.79
CA HIS B 42 11.44 -13.96 -0.16
C HIS B 42 11.05 -13.22 -1.44
N GLN B 43 10.52 -12.01 -1.28
CA GLN B 43 10.18 -11.16 -2.42
C GLN B 43 11.41 -10.86 -3.29
N VAL B 44 12.51 -10.54 -2.61
CA VAL B 44 13.78 -10.28 -3.29
C VAL B 44 14.20 -11.50 -4.14
N GLU B 45 14.16 -12.69 -3.57
CA GLU B 45 14.52 -13.90 -4.32
C GLU B 45 13.61 -14.10 -5.53
N LEU B 46 12.30 -13.95 -5.32
CA LEU B 46 11.33 -14.13 -6.38
C LEU B 46 11.47 -13.15 -7.53
N PHE B 47 11.61 -11.88 -7.21
CA PHE B 47 11.40 -10.89 -8.25
C PHE B 47 12.68 -10.45 -8.95
N ASN B 48 13.84 -10.60 -8.30
CA ASN B 48 15.10 -10.21 -8.96
C ASN B 48 15.29 -10.81 -10.37
N PRO B 49 15.11 -12.14 -10.54
CA PRO B 49 15.33 -12.65 -11.91
C PRO B 49 14.29 -12.08 -12.90
N LEU B 50 13.03 -11.98 -12.46
CA LEU B 50 11.98 -11.42 -13.29
C LEU B 50 12.33 -10.01 -13.74
N TYR B 51 12.78 -9.19 -12.81
CA TYR B 51 13.13 -7.80 -13.09
C TYR B 51 14.33 -7.66 -14.04
N GLU B 52 15.34 -8.50 -13.84
CA GLU B 52 16.51 -8.45 -14.71
C GLU B 52 16.08 -8.80 -16.13
N LYS B 53 15.22 -9.80 -16.23
CA LYS B 53 14.73 -10.30 -17.50
C LYS B 53 13.86 -9.24 -18.17
N ARG B 54 12.98 -8.61 -17.38
CA ARG B 54 12.16 -7.50 -17.87
C ARG B 54 13.04 -6.32 -18.31
N ALA B 55 14.03 -5.99 -17.49
CA ALA B 55 14.87 -4.81 -17.74
C ALA B 55 15.59 -4.89 -19.09
N ASN B 56 16.02 -6.08 -19.50
CA ASN B 56 16.75 -6.15 -20.78
C ASN B 56 15.83 -6.20 -21.99
N VAL B 57 14.54 -6.44 -21.77
CA VAL B 57 13.57 -6.24 -22.83
C VAL B 57 13.16 -4.74 -22.89
N LEU B 58 12.98 -4.11 -21.73
CA LEU B 58 12.55 -2.71 -21.66
C LEU B 58 13.56 -1.76 -22.31
N ARG B 59 14.85 -2.07 -22.20
CA ARG B 59 15.87 -1.21 -22.78
C ARG B 59 15.74 -1.09 -24.31
N LYS B 60 15.08 -2.05 -24.93
CA LYS B 60 14.86 -2.04 -26.37
C LYS B 60 13.61 -1.25 -26.79
N ILE B 61 12.89 -0.70 -25.80
CA ILE B 61 11.70 0.08 -26.10
C ILE B 61 11.97 1.58 -25.87
N PRO B 62 12.15 2.33 -26.97
CA PRO B 62 12.50 3.75 -26.96
C PRO B 62 11.63 4.54 -26.00
N LYS B 63 12.26 5.29 -25.10
CA LYS B 63 11.56 6.20 -24.21
C LYS B 63 10.47 5.50 -23.41
N PHE B 64 10.66 4.21 -23.13
CA PHE B 64 9.78 3.47 -22.23
C PHE B 64 9.61 4.22 -20.89
N TRP B 65 10.70 4.66 -20.30
CA TRP B 65 10.58 5.17 -18.94
C TRP B 65 9.96 6.57 -18.82
N PRO B 66 10.37 7.54 -19.68
CA PRO B 66 9.65 8.82 -19.56
C PRO B 66 8.17 8.71 -19.92
N ILE B 67 7.82 7.80 -20.83
CA ILE B 67 6.41 7.54 -21.11
C ILE B 67 5.69 6.91 -19.91
N ALA B 68 6.27 5.91 -19.29
CA ALA B 68 5.69 5.33 -18.08
C ALA B 68 5.56 6.34 -16.91
N ILE B 69 6.57 7.18 -16.74
CA ILE B 69 6.54 8.21 -15.69
C ILE B 69 5.39 9.20 -15.93
N GLU B 70 5.24 9.60 -17.19
CA GLU B 70 4.18 10.49 -17.58
C GLU B 70 2.82 9.81 -17.40
N ALA B 71 2.76 8.50 -17.57
CA ALA B 71 1.48 7.80 -17.46
C ALA B 71 1.13 7.48 -16.02
N ALA B 72 2.17 7.38 -15.19
CA ALA B 72 2.00 7.22 -13.75
C ALA B 72 1.19 8.38 -13.14
N PRO B 73 0.51 8.15 -12.00
CA PRO B 73 -0.27 9.23 -11.37
C PRO B 73 0.61 10.48 -11.18
N SER B 74 0.18 11.62 -11.71
CA SER B 74 1.08 12.78 -11.78
C SER B 74 1.46 13.28 -10.38
N ASP B 75 0.57 13.11 -9.42
CA ASP B 75 0.79 13.64 -8.07
C ASP B 75 1.83 12.81 -7.30
N GLU B 76 2.25 11.71 -7.91
CA GLU B 76 3.24 10.83 -7.32
C GLU B 76 4.65 11.18 -7.81
N LEU B 77 4.74 11.59 -9.06
CA LEU B 77 6.00 11.92 -9.66
C LEU B 77 6.01 13.14 -10.57
N SER B 78 5.24 13.10 -11.64
CA SER B 78 5.14 14.15 -12.65
C SER B 78 5.11 15.56 -12.08
N VAL B 79 4.42 15.69 -10.98
CA VAL B 79 4.30 16.92 -10.23
C VAL B 79 5.66 17.56 -9.87
N TYR B 80 6.71 16.75 -9.72
CA TYR B 80 8.01 17.27 -9.32
C TYR B 80 8.96 17.57 -10.48
N ILE B 81 8.49 17.40 -11.71
CA ILE B 81 9.35 17.46 -12.89
C ILE B 81 9.14 18.73 -13.72
N SER B 82 10.12 19.63 -13.70
CA SER B 82 10.19 20.80 -14.60
C SER B 82 9.92 20.44 -16.04
N PRO B 83 9.54 21.45 -16.85
CA PRO B 83 9.65 21.25 -18.30
C PRO B 83 11.11 21.00 -18.69
N GLU B 84 12.04 21.60 -17.95
CA GLU B 84 13.46 21.37 -18.20
C GLU B 84 13.92 20.00 -17.67
N ASP B 85 13.51 19.65 -16.46
CA ASP B 85 13.74 18.32 -15.88
C ASP B 85 13.32 17.24 -16.87
N ALA B 86 12.23 17.52 -17.60
CA ALA B 86 11.64 16.57 -18.55
C ALA B 86 12.53 16.40 -19.78
N ASN B 87 13.31 17.42 -20.09
CA ASN B 87 14.25 17.33 -21.20
C ASN B 87 15.39 16.38 -20.87
N VAL B 88 15.79 16.35 -19.60
CA VAL B 88 16.81 15.41 -19.17
C VAL B 88 16.21 14.02 -19.14
N LEU B 89 15.08 13.89 -18.46
CA LEU B 89 14.38 12.61 -18.28
C LEU B 89 13.92 11.98 -19.58
N GLU B 90 13.84 12.77 -20.63
CA GLU B 90 13.55 12.28 -21.97
C GLU B 90 14.64 11.28 -22.41
N HIS B 91 15.83 11.41 -21.82
CA HIS B 91 16.94 10.54 -22.16
C HIS B 91 17.19 9.52 -21.06
N LEU B 92 16.20 9.31 -20.18
CA LEU B 92 16.27 8.22 -19.22
C LEU B 92 16.04 6.89 -19.95
N ILE B 93 17.08 6.05 -20.02
CA ILE B 93 16.97 4.82 -20.79
C ILE B 93 16.81 3.59 -19.91
N ASP B 94 17.06 3.75 -18.61
CA ASP B 94 16.96 2.64 -17.66
C ASP B 94 16.62 3.10 -16.25
N LEU B 95 15.74 2.37 -15.60
CA LEU B 95 15.47 2.58 -14.19
C LEU B 95 15.44 1.20 -13.53
N ARG B 96 16.06 1.08 -12.36
CA ARG B 96 16.04 -0.18 -11.63
C ARG B 96 15.96 0.08 -10.13
N VAL B 97 15.34 -0.85 -9.42
CA VAL B 97 15.27 -0.77 -7.97
C VAL B 97 15.82 -2.06 -7.41
N TYR B 98 16.71 -1.96 -6.44
CA TYR B 98 17.26 -3.13 -5.78
C TYR B 98 17.02 -3.09 -4.26
N ARG B 99 17.06 -4.25 -3.65
CA ARG B 99 17.17 -4.31 -2.19
C ARG B 99 18.39 -5.16 -1.92
N PRO B 100 19.56 -4.53 -1.94
CA PRO B 100 20.84 -5.23 -2.07
C PRO B 100 21.47 -5.67 -0.75
N ASN B 101 20.94 -5.18 0.37
CA ASN B 101 21.59 -5.39 1.66
C ASN B 101 20.96 -6.53 2.46
N GLU B 102 21.63 -6.93 3.54
CA GLU B 102 21.09 -7.99 4.37
C GLU B 102 19.74 -7.59 4.96
N ASP B 103 19.60 -6.30 5.30
CA ASP B 103 18.30 -5.76 5.66
C ASP B 103 17.57 -5.46 4.36
N PRO B 104 16.53 -6.24 4.08
CA PRO B 104 15.88 -6.12 2.77
C PRO B 104 15.06 -4.83 2.64
N ARG B 105 15.06 -4.02 3.70
CA ARG B 105 14.27 -2.79 3.69
C ARG B 105 15.04 -1.64 3.07
N ASP B 106 16.34 -1.80 2.92
CA ASP B 106 17.12 -0.78 2.22
C ASP B 106 16.73 -0.87 0.74
N ILE B 107 16.41 0.26 0.12
CA ILE B 107 16.18 0.30 -1.32
C ILE B 107 17.27 1.12 -2.05
N LYS B 108 17.71 0.58 -3.18
CA LYS B 108 18.70 1.22 -4.04
C LYS B 108 18.04 1.50 -5.38
N ILE B 109 17.98 2.76 -5.78
CA ILE B 109 17.30 3.14 -7.01
C ILE B 109 18.31 3.65 -8.02
N VAL B 110 18.21 3.14 -9.25
CA VAL B 110 19.19 3.46 -10.28
C VAL B 110 18.53 4.17 -11.46
N PHE B 111 19.15 5.27 -11.90
CA PHE B 111 18.77 5.98 -13.12
C PHE B 111 19.92 6.00 -14.12
N GLU B 112 19.70 5.50 -15.33
CA GLU B 112 20.71 5.59 -16.40
C GLU B 112 20.17 6.41 -17.56
N PHE B 113 20.96 7.41 -17.96
CA PHE B 113 20.64 8.27 -19.10
C PHE B 113 21.54 7.96 -20.27
N GLU B 114 21.02 8.11 -21.49
CA GLU B 114 21.87 8.14 -22.67
C GLU B 114 22.55 9.51 -22.72
N ALA B 115 23.61 9.61 -23.52
CA ALA B 115 24.35 10.86 -23.66
C ALA B 115 23.41 12.01 -24.01
N ASN B 116 23.56 13.13 -23.32
CA ASN B 116 22.68 14.29 -23.53
C ASN B 116 23.35 15.61 -23.14
N GLU B 117 22.63 16.71 -23.36
CA GLU B 117 23.17 18.06 -23.22
C GLU B 117 23.33 18.57 -21.78
N TYR B 118 22.77 17.85 -20.81
CA TYR B 118 22.69 18.34 -19.44
C TYR B 118 23.71 17.67 -18.51
N LEU B 119 23.86 16.36 -18.66
CA LEU B 119 24.69 15.60 -17.75
C LEU B 119 26.08 15.25 -18.30
N GLU B 120 27.13 15.61 -17.54
CA GLU B 120 28.48 15.12 -17.79
C GLU B 120 28.43 13.57 -17.81
N SER B 121 29.27 12.91 -18.61
CA SER B 121 29.01 11.50 -18.86
C SER B 121 29.33 10.62 -17.63
N ASN B 122 30.08 11.15 -16.66
CA ASN B 122 30.21 10.45 -15.37
C ASN B 122 28.86 10.24 -14.69
N SER B 123 27.98 11.23 -14.80
CA SER B 123 26.69 11.20 -14.14
C SER B 123 25.56 10.64 -15.02
N LEU B 124 25.89 9.93 -16.09
CA LEU B 124 24.86 9.31 -16.89
C LEU B 124 24.34 8.05 -16.17
N TYR B 125 25.09 7.63 -15.16
CA TYR B 125 24.66 6.59 -14.23
C TYR B 125 24.55 7.17 -12.82
N LEU B 126 23.34 7.21 -12.27
CA LEU B 126 23.11 7.75 -10.92
C LEU B 126 22.40 6.73 -10.04
N GLU B 127 22.99 6.50 -8.87
CA GLU B 127 22.54 5.49 -7.94
C GLU B 127 22.28 6.12 -6.59
N LYS B 128 21.11 5.88 -6.02
CA LYS B 128 20.82 6.40 -4.68
C LYS B 128 20.36 5.29 -3.74
N LEU B 129 20.95 5.26 -2.54
CA LEU B 129 20.60 4.24 -1.56
C LEU B 129 19.84 4.82 -0.38
N PHE B 130 18.66 4.25 -0.12
CA PHE B 130 17.89 4.61 1.06
C PHE B 130 17.97 3.48 2.08
N ARG B 131 18.56 3.78 3.24
CA ARG B 131 18.70 2.79 4.31
C ARG B 131 17.61 2.94 5.38
N TYR B 132 16.96 1.83 5.69
CA TYR B 132 16.11 1.73 6.87
C TYR B 132 16.90 2.11 8.10
N SER B 133 16.34 3.02 8.90
CA SER B 133 16.96 3.44 10.15
C SER B 133 16.16 2.98 11.36
N SER B 134 16.81 2.25 12.27
CA SER B 134 16.19 1.77 13.50
C SER B 134 15.77 2.96 14.37
N GLN B 135 16.74 3.82 14.64
CA GLN B 135 16.54 5.03 15.42
C GLN B 135 15.42 5.90 14.86
N LYS B 136 15.53 6.26 13.59
CA LYS B 136 14.56 7.14 12.95
C LYS B 136 13.13 6.55 12.97
N ALA B 137 13.03 5.24 12.76
CA ALA B 137 11.75 4.57 12.81
C ALA B 137 11.25 4.48 14.26
N GLU B 138 12.16 4.24 15.20
CA GLU B 138 11.82 4.11 16.61
C GLU B 138 11.50 5.46 17.25
N ALA B 139 12.31 6.47 16.95
CA ALA B 139 12.08 7.82 17.44
C ALA B 139 11.79 8.78 16.30
N ASN B 145 -0.62 13.45 13.47
CA ASN B 145 -0.20 12.71 12.30
C ASN B 145 0.61 11.43 12.59
N LYS B 146 1.90 11.56 12.90
CA LYS B 146 2.84 10.43 13.02
C LYS B 146 2.72 9.41 11.88
N GLU B 147 2.73 9.87 10.64
CA GLU B 147 3.01 8.97 9.52
C GLU B 147 4.53 8.82 9.46
N PRO B 148 5.04 7.63 9.86
CA PRO B 148 6.45 7.43 10.21
C PRO B 148 7.44 7.53 9.05
N SER B 149 8.53 8.24 9.31
CA SER B 149 9.68 8.30 8.41
C SER B 149 10.70 7.25 8.84
N GLN B 150 11.14 6.43 7.88
CA GLN B 150 11.95 5.26 8.20
C GLN B 150 13.31 5.24 7.52
N LEU B 151 13.49 6.12 6.54
CA LEU B 151 14.60 6.04 5.58
C LEU B 151 15.58 7.20 5.65
N ILE B 152 16.85 6.90 5.49
CA ILE B 152 17.87 7.93 5.38
C ILE B 152 18.72 7.65 4.15
N SER B 153 19.40 8.67 3.64
CA SER B 153 20.17 8.51 2.42
C SER B 153 21.40 9.43 2.43
N GLU B 154 22.37 9.09 1.58
CA GLU B 154 23.53 9.95 1.34
C GLU B 154 23.30 10.80 0.10
N LYS B 155 23.89 11.99 0.08
CA LYS B 155 23.80 12.84 -1.10
C LYS B 155 24.49 12.13 -2.26
N VAL B 156 23.81 12.08 -3.39
CA VAL B 156 24.41 11.51 -4.58
C VAL B 156 24.89 12.66 -5.48
N ASN B 157 26.18 12.68 -5.78
CA ASN B 157 26.72 13.78 -6.53
C ASN B 157 26.40 13.71 -8.01
N ILE B 158 25.99 14.83 -8.57
CA ILE B 158 25.73 14.95 -9.99
C ILE B 158 26.68 15.94 -10.67
N GLU B 159 27.38 15.49 -11.70
CA GLU B 159 28.21 16.40 -12.50
C GLU B 159 27.40 16.99 -13.65
N TRP B 160 26.86 18.18 -13.42
CA TRP B 160 26.13 18.91 -14.44
C TRP B 160 27.09 19.53 -15.43
N LYS B 161 26.71 19.53 -16.69
CA LYS B 161 27.49 20.23 -17.70
C LYS B 161 27.42 21.74 -17.47
N LYS B 162 28.55 22.41 -17.71
CA LYS B 162 28.57 23.86 -17.73
C LYS B 162 27.77 24.30 -18.95
N ASN B 163 26.70 25.04 -18.76
CA ASN B 163 26.23 25.50 -17.47
C ASN B 163 24.75 25.14 -17.40
N LYS B 164 24.49 23.87 -17.07
CA LYS B 164 23.20 23.26 -17.30
C LYS B 164 22.59 22.74 -16.01
N ASP B 165 23.11 23.25 -14.90
CA ASP B 165 22.80 22.73 -13.58
C ASP B 165 21.41 23.17 -13.15
N LEU B 166 20.44 22.27 -13.29
CA LEU B 166 19.08 22.54 -12.89
C LEU B 166 18.93 22.62 -11.37
N THR B 167 19.95 22.22 -10.62
CA THR B 167 19.80 22.17 -9.16
C THR B 167 19.91 23.61 -8.61
N ARG B 168 20.37 24.54 -9.46
CA ARG B 168 20.40 25.97 -9.09
C ARG B 168 19.81 26.83 -10.21
N ALA B 174 10.78 27.26 -10.06
CA ALA B 174 10.39 26.21 -9.12
C ALA B 174 11.59 25.28 -8.87
N PRO B 175 11.47 24.35 -7.92
CA PRO B 175 12.61 23.44 -7.71
C PRO B 175 12.66 22.25 -8.68
N SER B 176 13.87 21.81 -9.00
CA SER B 176 14.09 20.70 -9.93
C SER B 176 13.84 19.34 -9.29
N PHE B 177 13.28 18.41 -10.07
CA PHE B 177 13.21 17.03 -9.66
C PHE B 177 14.58 16.54 -9.15
N PHE B 178 15.65 16.99 -9.79
CA PHE B 178 17.00 16.44 -9.52
C PHE B 178 17.60 16.83 -8.16
N THR B 179 16.93 17.74 -7.45
CA THR B 179 17.33 18.04 -6.09
C THR B 179 17.09 16.84 -5.16
N TRP B 180 16.17 15.95 -5.53
CA TRP B 180 15.88 14.72 -4.80
C TRP B 180 17.16 13.90 -4.48
N PHE B 181 18.14 13.98 -5.36
CA PHE B 181 19.38 13.24 -5.19
C PHE B 181 20.23 13.70 -4.01
N SER B 182 19.98 14.89 -3.49
CA SER B 182 20.77 15.41 -2.38
C SER B 182 20.12 15.15 -1.02
N TRP B 183 18.81 14.90 -1.03
CA TRP B 183 18.06 14.57 0.17
C TRP B 183 18.73 13.46 0.99
N THR B 184 18.66 13.61 2.31
CA THR B 184 19.27 12.69 3.25
C THR B 184 18.28 12.20 4.30
N GLY B 185 17.31 13.05 4.62
CA GLY B 185 16.35 12.75 5.67
C GLY B 185 16.94 12.80 7.07
N LYS B 186 18.19 13.24 7.19
CA LYS B 186 18.86 13.26 8.49
C LYS B 186 18.65 14.59 9.24
N GLU B 187 17.89 15.50 8.65
CA GLU B 187 17.74 16.79 9.31
C GLU B 187 16.57 16.77 10.27
N ASN B 188 15.49 16.06 9.90
CA ASN B 188 14.37 15.89 10.79
C ASN B 188 13.78 14.50 10.68
N ASP B 189 12.56 14.35 11.19
CA ASP B 189 11.89 13.05 11.21
C ASP B 189 10.52 13.09 10.56
N ILE B 190 10.22 14.19 9.87
CA ILE B 190 9.03 14.30 9.06
C ILE B 190 9.14 13.35 7.85
N PHE B 191 8.02 12.75 7.49
CA PHE B 191 7.88 11.97 6.28
C PHE B 191 7.68 12.91 5.08
N GLU B 192 8.76 13.20 4.36
CA GLU B 192 8.73 14.23 3.30
C GLU B 192 8.46 13.68 1.90
N ASP B 193 8.20 14.58 0.96
CA ASP B 193 7.94 14.23 -0.43
C ASP B 193 9.03 13.33 -1.03
N GLU B 194 10.29 13.60 -0.70
CA GLU B 194 11.41 12.81 -1.23
C GLU B 194 11.33 11.35 -0.80
N GLU B 195 11.07 11.11 0.47
CA GLU B 195 11.00 9.75 0.99
C GLU B 195 9.76 9.05 0.42
N GLU B 196 8.63 9.74 0.43
CA GLU B 196 7.43 9.20 -0.19
C GLU B 196 7.67 8.84 -1.67
N LEU B 197 8.38 9.72 -2.40
CA LEU B 197 8.72 9.44 -3.80
C LEU B 197 9.58 8.19 -3.91
N ALA B 198 10.56 8.05 -3.01
CA ALA B 198 11.42 6.87 -3.01
C ALA B 198 10.58 5.60 -2.92
N ILE B 199 9.62 5.59 -1.99
CA ILE B 199 8.73 4.45 -1.81
C ILE B 199 7.84 4.25 -3.06
N PHE B 200 7.37 5.35 -3.66
CA PHE B 200 6.54 5.22 -4.85
C PHE B 200 7.30 4.55 -6.00
N ILE B 201 8.54 4.99 -6.21
CA ILE B 201 9.39 4.37 -7.24
C ILE B 201 9.53 2.88 -6.94
N ALA B 202 9.90 2.54 -5.71
CA ALA B 202 10.14 1.15 -5.31
C ALA B 202 8.89 0.25 -5.29
N GLU B 203 7.77 0.78 -4.80
CA GLU B 203 6.60 -0.06 -4.51
C GLU B 203 5.46 0.09 -5.50
N ASP B 204 5.63 0.98 -6.48
CA ASP B 204 4.55 1.33 -7.40
C ASP B 204 5.02 1.53 -8.85
N LEU B 205 5.84 2.55 -9.07
CA LEU B 205 6.36 2.83 -10.40
C LEU B 205 7.08 1.62 -11.00
N TYR B 206 8.04 1.06 -10.25
CA TYR B 206 8.86 -0.03 -10.75
C TYR B 206 8.08 -1.34 -11.00
N PRO B 207 7.28 -1.81 -10.02
CA PRO B 207 6.49 -2.99 -10.34
C PRO B 207 5.49 -2.73 -11.48
N ASN B 208 4.93 -1.52 -11.54
CA ASN B 208 3.84 -1.26 -12.48
C ASN B 208 4.24 -0.57 -13.77
N ALA B 209 5.54 -0.48 -14.05
CA ALA B 209 6.00 0.32 -15.19
C ALA B 209 5.33 -0.10 -16.51
N VAL B 210 5.14 -1.41 -16.65
CA VAL B 210 4.58 -1.95 -17.89
C VAL B 210 3.09 -1.64 -18.01
N LYS B 211 2.33 -1.83 -16.93
CA LYS B 211 0.93 -1.40 -16.91
C LYS B 211 0.78 0.10 -17.22
N TYR B 212 1.54 0.96 -16.55
CA TYR B 212 1.51 2.39 -16.84
C TYR B 212 1.87 2.70 -18.28
N PHE B 213 2.92 2.06 -18.80
CA PHE B 213 3.30 2.28 -20.20
C PHE B 213 2.20 1.87 -21.16
N THR B 214 1.51 0.78 -20.84
CA THR B 214 0.49 0.26 -21.75
C THR B 214 -0.76 1.14 -21.70
N ASP B 215 -1.08 1.63 -20.51
CA ASP B 215 -2.11 2.66 -20.35
C ASP B 215 -1.89 3.83 -21.30
N ALA B 216 -0.64 4.22 -21.47
CA ALA B 216 -0.32 5.31 -22.38
C ALA B 216 -0.63 4.93 -23.83
N LEU B 217 -0.68 3.61 -24.08
CA LEU B 217 -0.93 3.02 -25.39
C LEU B 217 0.26 3.25 -26.33
C1 PEG C . -4.43 -13.55 7.16
O1 PEG C . -3.02 -13.81 7.24
C2 PEG C . -4.78 -12.06 6.92
O2 PEG C . -4.48 -11.64 5.58
C3 PEG C . -3.42 -10.65 5.37
C4 PEG C . -2.12 -11.05 5.91
O4 PEG C . -1.64 -12.26 5.37
C1 GOL D . 18.82 -11.93 3.15
O1 GOL D . 18.62 -10.57 3.47
C2 GOL D . 19.63 -12.65 4.23
O2 GOL D . 20.94 -12.87 3.75
C3 GOL D . 18.98 -13.98 4.58
O3 GOL D . 18.97 -14.18 5.98
C1 GOL E . 19.40 -8.68 -3.46
O1 GOL E . 20.53 -9.29 -2.82
C2 GOL E . 19.62 -7.93 -4.80
O2 GOL E . 20.98 -7.55 -4.95
C3 GOL E . 18.78 -6.64 -4.90
O3 GOL E . 17.41 -6.76 -5.27
#